data_7FBP
#
_entry.id   7FBP
#
_cell.length_a   40.190
_cell.length_b   76.830
_cell.length_c   41.020
_cell.angle_alpha   90.000
_cell.angle_beta   91.392
_cell.angle_gamma   90.000
#
_symmetry.space_group_name_H-M   'P 1 21 1'
#
loop_
_entity.id
_entity.type
_entity.pdbx_description
1 polymer 'Coagulation factor XIIa light chain'
2 polymer cMCoFx1
3 branched 2-acetamido-2-deoxy-beta-D-glucopyranose-(1-4)-2-acetamido-2-deoxy-beta-D-glucopyranose-(1-3)-alpha-D-mannopyranose-(1-3)-beta-D-mannopyranose-(1-4)-2-acetamido-2-deoxy-beta-D-glucopyranose-(1-4)-2-acetamido-2-deoxy-beta-D-glucopyranose
4 water water
#
loop_
_entity_poly.entity_id
_entity_poly.type
_entity_poly.pdbx_seq_one_letter_code
_entity_poly.pdbx_strand_id
1 'polypeptide(L)'
;VVGGLVALRGAHPYIAALYWGHSFCAGSLIAPCWVLTAAHCLQDRPAPEDLTVVLGQERRNHSCEPCQTLAVRSYRLHEA
FSPVSYQHDLALLRLQEDADGSCALLSPYVQPVCLPSGAARPSETTLCQVAGWGHQFEGAEEYASFLQEAQVPFLSLERC
SAPDVHGSSILPGMLCAGFLEGGTDACQGDSGGPLVCEDQAAERRLTLQGIISWGSGCGDRNKPGVYTDVAYYLAWIREH
T
;
A
2 'polypeptide(L)' DGGICPRIGRLCRRDSDCPGACICRATRFCGSGY B
#
loop_
_chem_comp.id
_chem_comp.type
_chem_comp.name
_chem_comp.formula
BMA D-saccharide, beta linking beta-D-mannopyranose 'C6 H12 O6'
MAN D-saccharide, alpha linking alpha-D-mannopyranose 'C6 H12 O6'
NAG D-saccharide, beta linking 2-acetamido-2-deoxy-beta-D-glucopyranose 'C8 H15 N O6'
#
# COMPACT_ATOMS: atom_id res chain seq x y z
N VAL A 1 -6.58 -4.56 6.20
CA VAL A 1 -6.61 -5.90 5.63
C VAL A 1 -7.76 -6.70 6.19
N VAL A 2 -8.60 -7.22 5.30
CA VAL A 2 -9.75 -8.03 5.66
C VAL A 2 -9.35 -9.50 5.59
N GLY A 3 -9.78 -10.27 6.58
CA GLY A 3 -9.56 -11.71 6.56
C GLY A 3 -8.13 -12.15 6.74
N GLY A 4 -7.32 -11.35 7.47
CA GLY A 4 -5.95 -11.70 7.76
C GLY A 4 -5.76 -12.11 9.21
N LEU A 5 -4.50 -12.38 9.52
CA LEU A 5 -4.06 -12.72 10.86
C LEU A 5 -3.02 -11.69 11.32
N VAL A 6 -2.69 -11.73 12.61
CA VAL A 6 -1.66 -10.85 13.14
C VAL A 6 -0.31 -11.25 12.55
N ALA A 7 0.41 -10.27 12.01
CA ALA A 7 1.74 -10.52 11.47
C ALA A 7 2.71 -10.89 12.58
N LEU A 8 3.56 -11.87 12.28
CA LEU A 8 4.62 -12.22 13.22
C LEU A 8 5.61 -11.05 13.34
N ARG A 9 6.22 -10.93 14.52
CA ARG A 9 6.98 -9.73 14.85
C ARG A 9 8.11 -9.49 13.85
N GLY A 10 8.82 -10.55 13.46
CA GLY A 10 9.95 -10.42 12.56
C GLY A 10 9.65 -10.68 11.10
N ALA A 11 8.37 -10.81 10.73
CA ALA A 11 7.99 -11.21 9.37
C ALA A 11 7.81 -10.04 8.42
N HIS A 12 7.99 -8.79 8.87
CA HIS A 12 7.69 -7.66 8.00
C HIS A 12 8.65 -6.49 8.18
N PRO A 13 9.98 -6.71 8.14
CA PRO A 13 10.90 -5.61 8.48
C PRO A 13 10.97 -4.50 7.45
N TYR A 14 10.31 -4.66 6.30
CA TYR A 14 10.38 -3.71 5.21
C TYR A 14 9.21 -2.72 5.19
N ILE A 15 8.17 -2.93 6.01
CA ILE A 15 6.97 -2.12 5.93
C ILE A 15 7.21 -0.77 6.60
N ALA A 16 6.85 0.30 5.93
CA ALA A 16 6.94 1.65 6.46
C ALA A 16 5.53 2.19 6.72
N ALA A 17 5.42 3.06 7.71
CA ALA A 17 4.17 3.73 8.04
C ALA A 17 4.33 5.23 7.83
N LEU A 18 3.31 5.85 7.24
CA LEU A 18 3.36 7.25 6.82
C LEU A 18 2.24 8.00 7.50
N TYR A 19 2.60 8.97 8.34
CA TYR A 19 1.66 9.77 9.12
C TYR A 19 1.78 11.23 8.74
N TRP A 20 0.64 11.86 8.43
CA TRP A 20 0.59 13.30 8.22
C TRP A 20 -0.86 13.75 8.27
N GLY A 21 -1.05 15.03 8.59
CA GLY A 21 -2.38 15.61 8.70
C GLY A 21 -3.36 14.71 9.43
N HIS A 22 -4.42 14.29 8.73
CA HIS A 22 -5.35 13.31 9.26
C HIS A 22 -5.44 12.10 8.34
N SER A 23 -4.32 11.77 7.69
CA SER A 23 -4.27 10.70 6.73
C SER A 23 -3.27 9.64 7.18
N PHE A 24 -3.40 8.46 6.60
CA PHE A 24 -2.50 7.35 6.92
C PHE A 24 -2.27 6.54 5.66
N CYS A 25 -1.00 6.19 5.41
CA CYS A 25 -0.61 5.28 4.34
C CYS A 25 0.55 4.42 4.84
N ALA A 26 0.91 3.44 4.03
CA ALA A 26 2.07 2.59 4.28
C ALA A 26 3.03 2.70 3.10
N GLY A 27 4.15 1.99 3.20
CA GLY A 27 5.16 2.00 2.16
C GLY A 27 6.10 0.83 2.36
N SER A 28 7.06 0.70 1.45
CA SER A 28 8.05 -0.37 1.49
C SER A 28 9.45 0.20 1.41
N LEU A 29 10.27 -0.06 2.42
CA LEU A 29 11.69 0.28 2.36
C LEU A 29 12.39 -0.57 1.30
N ILE A 30 12.90 0.07 0.25
CA ILE A 30 13.60 -0.63 -0.83
C ILE A 30 15.10 -0.34 -0.83
N ALA A 31 15.53 0.67 -0.09
CA ALA A 31 16.93 0.97 0.17
C ALA A 31 16.97 1.70 1.49
N PRO A 32 18.14 1.80 2.13
CA PRO A 32 18.20 2.51 3.42
C PRO A 32 17.58 3.90 3.39
N CYS A 33 17.65 4.62 2.27
CA CYS A 33 17.14 5.99 2.23
C CYS A 33 15.90 6.15 1.35
N TRP A 34 15.24 5.07 0.93
CA TRP A 34 14.17 5.17 -0.06
C TRP A 34 12.99 4.28 0.31
N VAL A 35 11.79 4.86 0.28
CA VAL A 35 10.54 4.13 0.51
C VAL A 35 9.67 4.22 -0.73
N LEU A 36 9.04 3.09 -1.08
CA LEU A 36 8.16 2.99 -2.24
C LEU A 36 6.73 2.91 -1.75
N THR A 37 5.90 3.86 -2.19
CA THR A 37 4.50 3.92 -1.77
C THR A 37 3.65 4.23 -2.98
N ALA A 38 2.35 4.43 -2.74
CA ALA A 38 1.42 4.79 -3.81
C ALA A 38 1.41 6.29 -4.02
N ALA A 39 1.27 6.70 -5.28
CA ALA A 39 1.25 8.11 -5.61
C ALA A 39 -0.01 8.80 -5.08
N HIS A 40 -1.14 8.09 -5.02
CA HIS A 40 -2.38 8.76 -4.60
C HIS A 40 -2.37 9.13 -3.12
N CYS A 41 -1.49 8.50 -2.33
CA CYS A 41 -1.29 8.93 -0.95
C CYS A 41 -0.83 10.38 -0.87
N LEU A 42 -0.07 10.83 -1.86
CA LEU A 42 0.43 12.20 -1.91
C LEU A 42 -0.30 13.02 -2.97
N GLN A 43 -1.56 12.66 -3.23
CA GLN A 43 -2.34 13.29 -4.29
C GLN A 43 -2.53 14.78 -4.05
N ASP A 44 -2.72 15.18 -2.79
CA ASP A 44 -2.88 16.58 -2.44
C ASP A 44 -1.57 17.32 -2.27
N ARG A 45 -0.45 16.68 -2.61
CA ARG A 45 0.89 17.28 -2.54
C ARG A 45 1.18 17.89 -1.16
N PRO A 46 1.22 17.08 -0.10
CA PRO A 46 1.62 17.62 1.21
C PRO A 46 3.11 17.97 1.21
N ALA A 47 3.45 19.01 1.97
CA ALA A 47 4.85 19.41 2.07
C ALA A 47 5.66 18.27 2.68
N PRO A 48 6.89 18.03 2.19
CA PRO A 48 7.70 16.95 2.78
C PRO A 48 7.98 17.13 4.26
N GLU A 49 8.04 18.36 4.74
CA GLU A 49 8.21 18.61 6.18
C GLU A 49 7.03 18.13 7.00
N ASP A 50 5.86 17.93 6.37
CA ASP A 50 4.68 17.49 7.11
C ASP A 50 4.63 15.99 7.28
N LEU A 51 5.41 15.24 6.50
CA LEU A 51 5.35 13.78 6.49
C LEU A 51 6.25 13.20 7.57
N THR A 52 5.79 12.13 8.20
CA THR A 52 6.57 11.38 9.16
C THR A 52 6.54 9.91 8.76
N VAL A 53 7.73 9.32 8.57
CA VAL A 53 7.87 7.91 8.24
C VAL A 53 8.40 7.19 9.48
N VAL A 54 7.81 6.05 9.79
CA VAL A 54 8.24 5.23 10.92
C VAL A 54 8.50 3.82 10.42
N LEU A 55 9.66 3.29 10.77
CA LEU A 55 10.08 1.94 10.41
C LEU A 55 10.16 1.06 11.64
N GLY A 56 10.04 -0.25 11.43
CA GLY A 56 10.19 -1.21 12.50
C GLY A 56 8.98 -1.41 13.39
N GLN A 57 7.81 -0.91 12.99
CA GLN A 57 6.61 -0.96 13.82
C GLN A 57 5.86 -2.27 13.67
N GLU A 58 5.40 -2.80 14.81
CA GLU A 58 4.39 -3.85 14.82
C GLU A 58 2.99 -3.31 15.04
N ARG A 59 2.85 -2.27 15.85
CA ARG A 59 1.55 -1.71 16.20
C ARG A 59 1.43 -0.30 15.63
N ARG A 60 0.23 0.04 15.16
CA ARG A 60 0.05 1.26 14.40
C ARG A 60 0.22 2.48 15.29
N ASN A 61 1.03 3.43 14.81
CA ASN A 61 1.25 4.70 15.49
C ASN A 61 1.83 4.51 16.89
N HIS A 62 2.57 3.42 17.09
CA HIS A 62 3.14 3.06 18.39
C HIS A 62 4.63 3.37 18.40
N SER A 63 5.09 4.00 19.48
CA SER A 63 6.50 4.31 19.67
C SER A 63 7.15 3.15 20.41
N CYS A 64 7.77 2.24 19.66
CA CYS A 64 8.42 1.08 20.24
C CYS A 64 9.93 1.29 20.29
N GLU A 65 10.61 0.52 21.15
CA GLU A 65 12.06 0.68 21.27
C GLU A 65 12.79 0.38 19.98
N PRO A 66 12.49 -0.67 19.21
CA PRO A 66 13.13 -0.84 17.90
C PRO A 66 12.58 0.08 16.80
N CYS A 67 11.58 0.91 17.10
CA CYS A 67 11.01 1.79 16.09
C CYS A 67 11.97 2.94 15.77
N GLN A 68 11.96 3.38 14.52
CA GLN A 68 12.80 4.49 14.06
C GLN A 68 11.94 5.48 13.30
N THR A 69 11.91 6.73 13.76
CA THR A 69 11.11 7.80 13.16
C THR A 69 12.00 8.68 12.31
N LEU A 70 11.65 8.82 11.03
CA LEU A 70 12.45 9.57 10.07
C LEU A 70 11.59 10.62 9.39
N ALA A 71 12.22 11.75 9.09
CA ALA A 71 11.57 12.78 8.27
C ALA A 71 11.81 12.49 6.79
N VAL A 72 10.99 13.13 5.96
CA VAL A 72 11.06 12.99 4.50
C VAL A 72 11.58 14.30 3.93
N ARG A 73 12.70 14.24 3.23
CA ARG A 73 13.24 15.46 2.64
C ARG A 73 12.66 15.76 1.27
N SER A 74 12.17 14.76 0.54
CA SER A 74 11.57 14.97 -0.77
C SER A 74 10.86 13.70 -1.22
N TYR A 75 9.96 13.87 -2.19
CA TYR A 75 9.29 12.73 -2.80
C TYR A 75 9.04 13.04 -4.27
N ARG A 76 8.79 11.98 -5.04
CA ARG A 76 8.54 12.11 -6.48
C ARG A 76 7.42 11.15 -6.87
N LEU A 77 6.34 11.70 -7.42
CA LEU A 77 5.28 10.90 -8.00
C LEU A 77 5.66 10.54 -9.43
N HIS A 78 5.30 9.33 -9.84
CA HIS A 78 5.47 8.97 -11.25
C HIS A 78 4.73 9.98 -12.12
N GLU A 79 5.39 10.44 -13.18
CA GLU A 79 4.75 11.39 -14.07
C GLU A 79 3.54 10.75 -14.75
N ALA A 80 2.58 11.58 -15.14
CA ALA A 80 1.34 11.15 -15.78
C ALA A 80 0.48 10.26 -14.86
N PHE A 81 0.76 10.25 -13.56
CA PHE A 81 -0.19 9.65 -12.63
C PHE A 81 -1.52 10.39 -12.70
N SER A 82 -2.61 9.65 -12.85
CA SER A 82 -3.93 10.27 -12.99
C SER A 82 -4.72 10.09 -11.72
N PRO A 83 -5.28 11.13 -11.16
CA PRO A 83 -6.13 10.93 -9.98
C PRO A 83 -7.54 10.52 -10.38
N VAL A 84 -7.72 10.22 -11.66
CA VAL A 84 -8.98 9.70 -12.19
C VAL A 84 -8.86 8.21 -12.51
N SER A 85 -7.93 7.83 -13.40
CA SER A 85 -7.74 6.42 -13.76
C SER A 85 -6.85 5.67 -12.80
N TYR A 86 -5.98 6.38 -12.08
CA TYR A 86 -5.00 5.81 -11.16
C TYR A 86 -4.01 4.90 -11.87
N GLN A 87 -3.75 5.17 -13.14
CA GLN A 87 -2.58 4.61 -13.80
C GLN A 87 -1.31 5.24 -13.24
N HIS A 88 -0.22 4.46 -13.26
CA HIS A 88 1.09 4.90 -12.74
C HIS A 88 1.01 5.32 -11.28
N ASP A 89 0.37 4.48 -10.44
CA ASP A 89 0.10 4.85 -9.05
C ASP A 89 1.26 4.39 -8.16
N LEU A 90 2.34 5.17 -8.18
CA LEU A 90 3.49 4.85 -7.35
C LEU A 90 4.35 6.10 -7.16
N ALA A 91 4.99 6.19 -6.00
CA ALA A 91 5.83 7.34 -5.67
C ALA A 91 7.02 6.87 -4.84
N LEU A 92 8.07 7.69 -4.82
CA LEU A 92 9.29 7.41 -4.07
C LEU A 92 9.48 8.47 -2.99
N LEU A 93 9.74 8.02 -1.77
CA LEU A 93 10.04 8.92 -0.66
C LEU A 93 11.53 8.85 -0.36
N ARG A 94 12.20 10.01 -0.35
CA ARG A 94 13.61 10.10 0.00
C ARG A 94 13.71 10.55 1.46
N LEU A 95 14.21 9.66 2.31
CA LEU A 95 14.29 9.90 3.75
C LEU A 95 15.44 10.86 4.09
N GLN A 96 15.35 11.46 5.27
CA GLN A 96 16.42 12.34 5.73
C GLN A 96 17.65 11.53 6.11
N GLU A 97 18.81 11.98 5.65
CA GLU A 97 20.08 11.34 5.96
C GLU A 97 20.90 12.22 6.89
N ASP A 98 21.94 11.62 7.48
CA ASP A 98 22.83 12.33 8.36
C ASP A 98 24.07 12.79 7.59
N ALA A 99 25.12 13.20 8.31
CA ALA A 99 26.36 13.63 7.65
C ALA A 99 27.05 12.49 6.90
N ASP A 100 26.84 11.24 7.32
CA ASP A 100 27.50 10.09 6.72
C ASP A 100 26.57 9.31 5.78
N GLY A 101 25.56 9.98 5.24
CA GLY A 101 24.68 9.36 4.26
C GLY A 101 23.79 8.25 4.79
N SER A 102 23.66 8.12 6.10
CA SER A 102 22.87 7.05 6.71
C SER A 102 21.47 7.55 7.02
N CYS A 103 20.45 6.76 6.63
CA CYS A 103 19.07 7.08 6.95
C CYS A 103 18.56 6.03 7.92
N ALA A 104 17.90 4.98 7.46
CA ALA A 104 17.45 3.92 8.36
C ALA A 104 18.64 3.14 8.91
N LEU A 105 18.58 2.83 10.21
CA LEU A 105 19.52 1.91 10.81
C LEU A 105 19.00 0.49 10.58
N LEU A 106 19.66 -0.25 9.71
CA LEU A 106 19.24 -1.62 9.45
C LEU A 106 19.35 -2.45 10.72
N SER A 107 18.35 -3.28 10.96
CA SER A 107 18.23 -4.03 12.21
C SER A 107 17.39 -5.27 11.95
N PRO A 108 17.20 -6.17 12.93
CA PRO A 108 16.28 -7.30 12.71
C PRO A 108 14.85 -6.85 12.45
N TYR A 109 14.49 -5.62 12.77
CA TYR A 109 13.15 -5.10 12.57
C TYR A 109 13.03 -4.14 11.40
N VAL A 110 14.15 -3.75 10.80
CA VAL A 110 14.19 -2.74 9.75
C VAL A 110 15.14 -3.26 8.67
N GLN A 111 14.59 -3.68 7.53
CA GLN A 111 15.35 -4.28 6.44
C GLN A 111 14.69 -3.92 5.12
N PRO A 112 15.45 -3.63 4.07
CA PRO A 112 14.85 -3.44 2.75
C PRO A 112 14.29 -4.75 2.20
N VAL A 113 13.32 -4.62 1.30
CA VAL A 113 12.74 -5.76 0.61
C VAL A 113 13.33 -5.85 -0.79
N CYS A 114 13.57 -7.08 -1.26
CA CYS A 114 14.06 -7.29 -2.61
C CYS A 114 13.00 -6.88 -3.64
N LEU A 115 13.48 -6.36 -4.77
CA LEU A 115 12.63 -6.02 -5.92
C LEU A 115 12.65 -7.15 -6.92
N PRO A 116 11.69 -7.18 -7.87
CA PRO A 116 11.65 -8.28 -8.83
C PRO A 116 12.88 -8.28 -9.73
N SER A 117 13.23 -9.47 -10.21
CA SER A 117 14.37 -9.63 -11.10
C SER A 117 13.93 -9.69 -12.56
N THR A 125 2.37 -21.39 -8.67
CA THR A 125 3.51 -21.84 -7.89
C THR A 125 4.12 -20.72 -7.06
N THR A 126 3.46 -19.56 -7.03
CA THR A 126 3.94 -18.39 -6.31
C THR A 126 2.92 -17.98 -5.25
N LEU A 127 3.37 -17.87 -4.00
CA LEU A 127 2.53 -17.44 -2.89
C LEU A 127 2.79 -15.96 -2.61
N CYS A 128 1.71 -15.23 -2.33
CA CYS A 128 1.80 -13.80 -2.07
C CYS A 128 1.02 -13.47 -0.81
N GLN A 129 1.54 -12.49 -0.06
CA GLN A 129 0.89 -11.99 1.15
C GLN A 129 0.75 -10.48 1.04
N VAL A 130 -0.35 -9.96 1.57
CA VAL A 130 -0.59 -8.53 1.67
C VAL A 130 -0.63 -8.16 3.14
N ALA A 131 -0.11 -6.98 3.49
CA ALA A 131 -0.03 -6.58 4.89
C ALA A 131 -0.32 -5.10 5.05
N GLY A 132 -0.88 -4.73 6.19
CA GLY A 132 -1.20 -3.33 6.45
C GLY A 132 -1.97 -3.17 7.74
N TRP A 133 -2.11 -1.90 8.13
CA TRP A 133 -2.80 -1.52 9.36
C TRP A 133 -4.23 -1.01 9.10
N GLY A 134 -4.71 -1.10 7.86
CA GLY A 134 -5.97 -0.52 7.49
C GLY A 134 -7.16 -1.23 8.11
N HIS A 135 -8.35 -0.85 7.64
CA HIS A 135 -9.58 -1.43 8.14
C HIS A 135 -9.58 -2.95 7.97
N GLN A 136 -10.04 -3.64 9.00
CA GLN A 136 -10.20 -5.10 8.95
C GLN A 136 -11.56 -5.52 8.42
N PHE A 137 -12.43 -4.56 8.14
CA PHE A 137 -13.72 -4.76 7.47
C PHE A 137 -13.97 -3.56 6.57
N GLU A 138 -14.68 -3.78 5.47
CA GLU A 138 -15.07 -2.66 4.63
C GLU A 138 -15.92 -1.69 5.44
N GLY A 139 -15.61 -0.41 5.33
CA GLY A 139 -16.35 0.59 6.08
C GLY A 139 -16.12 0.54 7.58
N ALA A 140 -15.02 -0.07 8.03
CA ALA A 140 -14.75 -0.14 9.45
C ALA A 140 -14.52 1.25 10.03
N GLU A 141 -14.74 1.35 11.33
CA GLU A 141 -14.66 2.61 12.05
C GLU A 141 -13.26 2.93 12.55
N GLU A 142 -12.29 2.04 12.33
CA GLU A 142 -11.06 2.11 13.09
C GLU A 142 -9.98 1.31 12.37
N TYR A 143 -8.76 1.84 12.37
CA TYR A 143 -7.63 1.10 11.82
C TYR A 143 -7.29 -0.09 12.71
N ALA A 144 -6.56 -1.04 12.14
CA ALA A 144 -6.00 -2.12 12.93
C ALA A 144 -4.87 -1.60 13.80
N SER A 145 -4.80 -2.09 15.03
CA SER A 145 -3.63 -1.80 15.88
C SER A 145 -2.45 -2.70 15.50
N PHE A 146 -2.63 -4.01 15.59
CA PHE A 146 -1.61 -4.94 15.15
C PHE A 146 -1.59 -5.05 13.63
N LEU A 147 -0.39 -5.07 13.07
CA LEU A 147 -0.25 -5.30 11.64
C LEU A 147 -0.91 -6.62 11.25
N GLN A 148 -1.71 -6.59 10.20
CA GLN A 148 -2.40 -7.77 9.68
C GLN A 148 -1.70 -8.28 8.44
N GLU A 149 -1.69 -9.60 8.27
CA GLU A 149 -1.18 -10.26 7.07
C GLU A 149 -2.19 -11.27 6.56
N ALA A 150 -2.33 -11.36 5.24
CA ALA A 150 -3.24 -12.29 4.60
C ALA A 150 -2.64 -12.78 3.29
N GLN A 151 -2.81 -14.08 3.03
CA GLN A 151 -2.35 -14.69 1.80
C GLN A 151 -3.40 -14.51 0.70
N VAL A 152 -2.95 -14.05 -0.47
CA VAL A 152 -3.82 -13.85 -1.63
C VAL A 152 -3.12 -14.39 -2.87
N PRO A 153 -3.86 -14.97 -3.81
CA PRO A 153 -3.24 -15.44 -5.05
C PRO A 153 -3.32 -14.40 -6.17
N PHE A 154 -2.38 -14.51 -7.10
CA PHE A 154 -2.46 -13.74 -8.32
C PHE A 154 -3.75 -14.08 -9.08
N LEU A 155 -4.30 -13.09 -9.76
CA LEU A 155 -5.43 -13.29 -10.66
C LEU A 155 -5.06 -12.75 -12.04
N SER A 156 -5.33 -13.55 -13.08
CA SER A 156 -4.89 -13.21 -14.42
C SER A 156 -5.56 -11.91 -14.91
N LEU A 157 -4.99 -11.37 -15.98
CA LEU A 157 -5.49 -10.12 -16.53
C LEU A 157 -6.91 -10.25 -17.05
N GLU A 158 -7.20 -11.34 -17.77
CA GLU A 158 -8.52 -11.47 -18.38
C GLU A 158 -9.59 -11.77 -17.36
N ARG A 159 -9.24 -12.40 -16.24
CA ARG A 159 -10.24 -12.62 -15.19
C ARG A 159 -10.52 -11.34 -14.41
N CYS A 160 -9.52 -10.49 -14.21
CA CYS A 160 -9.75 -9.22 -13.53
C CYS A 160 -10.37 -8.18 -14.45
N SER A 161 -10.18 -8.31 -15.76
CA SER A 161 -10.76 -7.38 -16.73
C SER A 161 -12.17 -7.77 -17.16
N ALA A 162 -12.72 -8.86 -16.61
CA ALA A 162 -14.09 -9.25 -16.94
C ALA A 162 -15.05 -8.13 -16.54
N PRO A 163 -16.15 -7.95 -17.30
CA PRO A 163 -17.03 -6.80 -17.04
C PRO A 163 -17.62 -6.75 -15.63
N ASP A 164 -17.99 -7.89 -15.05
CA ASP A 164 -18.51 -7.91 -13.70
C ASP A 164 -17.42 -7.98 -12.64
N VAL A 165 -16.15 -7.82 -13.02
CA VAL A 165 -15.06 -7.74 -12.05
C VAL A 165 -14.59 -6.29 -12.01
N HIS A 166 -13.51 -5.97 -12.74
CA HIS A 166 -13.05 -4.60 -12.84
C HIS A 166 -13.08 -4.04 -14.25
N GLY A 167 -13.42 -4.84 -15.26
CA GLY A 167 -13.65 -4.32 -16.60
C GLY A 167 -12.46 -3.59 -17.18
N SER A 168 -12.75 -2.48 -17.87
CA SER A 168 -11.72 -1.68 -18.53
C SER A 168 -10.87 -0.86 -17.56
N SER A 169 -11.17 -0.89 -16.26
CA SER A 169 -10.42 -0.09 -15.30
C SER A 169 -9.02 -0.64 -15.06
N ILE A 170 -8.78 -1.91 -15.36
CA ILE A 170 -7.45 -2.51 -15.18
C ILE A 170 -6.56 -2.05 -16.32
N LEU A 171 -5.54 -1.26 -16.01
CA LEU A 171 -4.65 -0.68 -17.00
C LEU A 171 -3.27 -1.32 -16.91
N PRO A 172 -2.47 -1.22 -17.98
CA PRO A 172 -1.08 -1.70 -17.90
C PRO A 172 -0.36 -1.07 -16.71
N GLY A 173 0.43 -1.90 -16.01
CA GLY A 173 1.07 -1.48 -14.79
C GLY A 173 0.28 -1.73 -13.53
N MET A 174 -0.96 -2.20 -13.66
CA MET A 174 -1.76 -2.65 -12.53
C MET A 174 -1.74 -4.17 -12.45
N LEU A 175 -2.20 -4.68 -11.30
CA LEU A 175 -2.16 -6.10 -11.01
C LEU A 175 -3.27 -6.40 -10.01
N CYS A 176 -3.86 -7.58 -10.12
CA CYS A 176 -4.95 -7.99 -9.25
C CYS A 176 -4.58 -9.23 -8.47
N ALA A 177 -5.02 -9.29 -7.22
CA ALA A 177 -4.79 -10.44 -6.36
C ALA A 177 -5.97 -10.57 -5.41
N GLY A 178 -6.27 -11.82 -5.03
CA GLY A 178 -7.33 -12.14 -4.13
C GLY A 178 -8.19 -13.25 -4.71
N PHE A 179 -9.36 -13.45 -4.09
CA PHE A 179 -10.30 -14.48 -4.51
C PHE A 179 -11.56 -13.81 -5.03
N LEU A 180 -12.07 -14.30 -6.17
CA LEU A 180 -13.29 -13.73 -6.75
C LEU A 180 -14.49 -13.90 -5.82
N GLU A 181 -14.48 -14.94 -4.99
CA GLU A 181 -15.59 -15.17 -4.07
C GLU A 181 -15.54 -14.25 -2.86
N GLY A 182 -14.42 -13.57 -2.61
CA GLY A 182 -14.32 -12.59 -1.56
C GLY A 182 -13.75 -13.13 -0.26
N GLY A 183 -13.65 -12.22 0.72
CA GLY A 183 -13.27 -12.58 2.07
C GLY A 183 -11.87 -12.15 2.48
N THR A 184 -10.97 -11.91 1.52
CA THR A 184 -9.57 -11.62 1.82
C THR A 184 -9.08 -10.51 0.90
N ASP A 185 -8.67 -9.39 1.47
CA ASP A 185 -8.32 -8.23 0.63
C ASP A 185 -7.63 -7.18 1.50
N ALA A 186 -6.96 -6.25 0.82
CA ALA A 186 -6.57 -5.00 1.45
C ALA A 186 -7.78 -4.07 1.52
N CYS A 187 -7.64 -2.98 2.29
CA CYS A 187 -8.74 -2.06 2.50
C CYS A 187 -8.18 -0.67 2.79
N GLN A 188 -9.07 0.29 3.06
CA GLN A 188 -8.67 1.68 3.27
C GLN A 188 -7.71 1.78 4.45
N GLY A 189 -6.61 2.52 4.26
CA GLY A 189 -5.54 2.57 5.22
C GLY A 189 -4.41 1.61 4.95
N ASP A 190 -4.58 0.72 3.98
CA ASP A 190 -3.51 -0.17 3.54
C ASP A 190 -2.74 0.37 2.35
N SER A 191 -3.21 1.44 1.71
CA SER A 191 -2.56 1.95 0.50
C SER A 191 -1.08 2.20 0.72
N GLY A 192 -0.29 1.97 -0.35
CA GLY A 192 1.14 2.06 -0.28
C GLY A 192 1.84 0.84 0.26
N GLY A 193 1.12 -0.03 0.98
CA GLY A 193 1.69 -1.20 1.59
C GLY A 193 2.10 -2.26 0.59
N PRO A 194 2.83 -3.26 1.06
CA PRO A 194 3.43 -4.23 0.17
C PRO A 194 2.52 -5.42 -0.15
N LEU A 195 2.70 -5.92 -1.37
CA LEU A 195 2.27 -7.26 -1.76
C LEU A 195 3.56 -8.01 -2.09
N VAL A 196 4.01 -8.87 -1.18
CA VAL A 196 5.26 -9.60 -1.35
C VAL A 196 4.93 -11.02 -1.77
N CYS A 197 5.80 -11.61 -2.59
CA CYS A 197 5.60 -12.97 -3.08
C CYS A 197 6.87 -13.78 -2.95
N GLU A 198 6.70 -15.09 -2.83
CA GLU A 198 7.81 -16.04 -2.78
C GLU A 198 7.38 -17.30 -3.52
N ASP A 199 8.33 -17.93 -4.20
CA ASP A 199 8.03 -19.13 -4.97
C ASP A 199 7.81 -20.31 -4.03
N GLN A 200 6.62 -20.92 -4.11
CA GLN A 200 6.29 -22.00 -3.18
C GLN A 200 7.09 -23.27 -3.44
N ALA A 201 7.68 -23.41 -4.63
CA ALA A 201 8.43 -24.61 -4.98
C ALA A 201 9.87 -24.57 -4.47
N ALA A 202 10.37 -23.41 -4.05
CA ALA A 202 11.72 -23.33 -3.47
C ALA A 202 11.82 -22.44 -2.25
N GLU A 203 11.03 -21.36 -2.14
CA GLU A 203 11.02 -20.47 -0.98
C GLU A 203 12.41 -19.95 -0.68
N ARG A 204 12.97 -19.24 -1.66
CA ARG A 204 14.36 -18.77 -1.58
C ARG A 204 14.50 -17.27 -1.44
N ARG A 205 13.46 -16.49 -1.76
CA ARG A 205 13.58 -15.04 -1.70
C ARG A 205 12.18 -14.42 -1.64
N LEU A 206 12.00 -13.47 -0.72
CA LEU A 206 10.80 -12.67 -0.64
C LEU A 206 10.99 -11.44 -1.53
N THR A 207 10.07 -11.23 -2.46
CA THR A 207 10.21 -10.12 -3.40
C THR A 207 8.95 -9.28 -3.42
N LEU A 208 9.14 -7.96 -3.53
CA LEU A 208 8.04 -7.01 -3.59
C LEU A 208 7.46 -7.01 -5.01
N GLN A 209 6.23 -7.49 -5.14
CA GLN A 209 5.59 -7.59 -6.45
C GLN A 209 4.48 -6.55 -6.66
N GLY A 210 3.89 -6.02 -5.60
CA GLY A 210 2.78 -5.10 -5.76
C GLY A 210 2.77 -4.02 -4.70
N ILE A 211 2.12 -2.91 -5.06
CA ILE A 211 1.86 -1.80 -4.15
C ILE A 211 0.35 -1.66 -4.03
N ILE A 212 -0.15 -1.68 -2.79
CA ILE A 212 -1.59 -1.60 -2.56
C ILE A 212 -2.11 -0.29 -3.12
N SER A 213 -3.14 -0.37 -3.97
CA SER A 213 -3.59 0.81 -4.72
C SER A 213 -5.08 1.10 -4.52
N TRP A 214 -5.97 0.26 -5.05
CA TRP A 214 -7.38 0.62 -5.02
C TRP A 214 -8.24 -0.64 -5.13
N GLY A 215 -9.54 -0.44 -4.97
CA GLY A 215 -10.50 -1.52 -5.09
C GLY A 215 -11.91 -0.96 -5.11
N SER A 216 -12.87 -1.87 -5.09
CA SER A 216 -14.29 -1.53 -4.99
C SER A 216 -14.80 -2.22 -3.74
N GLY A 217 -14.99 -1.45 -2.67
CA GLY A 217 -15.20 -2.11 -1.40
C GLY A 217 -13.92 -2.83 -0.98
N CYS A 218 -14.08 -3.78 -0.07
CA CYS A 218 -12.96 -4.56 0.44
C CYS A 218 -13.41 -5.99 0.68
N GLY A 219 -12.74 -6.94 0.04
CA GLY A 219 -13.06 -8.35 0.26
C GLY A 219 -14.40 -8.79 -0.27
N ASP A 220 -14.99 -8.01 -1.17
CA ASP A 220 -16.33 -8.31 -1.67
C ASP A 220 -16.26 -9.17 -2.92
N ARG A 221 -17.41 -9.79 -3.24
CA ARG A 221 -17.46 -10.74 -4.33
C ARG A 221 -17.23 -10.05 -5.67
N ASN A 222 -16.40 -10.69 -6.51
CA ASN A 222 -16.05 -10.23 -7.84
C ASN A 222 -15.31 -8.89 -7.83
N LYS A 223 -14.76 -8.49 -6.68
CA LYS A 223 -14.05 -7.22 -6.55
C LYS A 223 -12.72 -7.46 -5.82
N PRO A 224 -11.73 -8.04 -6.49
CA PRO A 224 -10.44 -8.25 -5.87
C PRO A 224 -9.61 -6.98 -5.83
N GLY A 225 -8.63 -6.97 -4.94
CA GLY A 225 -7.76 -5.82 -4.80
C GLY A 225 -6.92 -5.59 -6.04
N VAL A 226 -6.66 -4.31 -6.32
CA VAL A 226 -5.82 -3.91 -7.44
C VAL A 226 -4.54 -3.31 -6.88
N TYR A 227 -3.42 -3.65 -7.51
CA TYR A 227 -2.10 -3.31 -7.02
C TYR A 227 -1.31 -2.66 -8.14
N THR A 228 -0.37 -1.81 -7.78
CA THR A 228 0.61 -1.33 -8.75
C THR A 228 1.66 -2.41 -8.96
N ASP A 229 1.94 -2.72 -10.23
CA ASP A 229 2.82 -3.81 -10.64
C ASP A 229 4.27 -3.33 -10.52
N VAL A 230 4.96 -3.77 -9.47
CA VAL A 230 6.31 -3.26 -9.19
C VAL A 230 7.28 -3.66 -10.29
N ALA A 231 7.22 -4.91 -10.74
CA ALA A 231 8.13 -5.36 -11.81
C ALA A 231 7.93 -4.55 -13.09
N TYR A 232 6.70 -4.06 -13.32
CA TYR A 232 6.43 -3.26 -14.51
C TYR A 232 7.15 -1.90 -14.45
N TYR A 233 7.33 -1.34 -13.25
CA TYR A 233 7.99 -0.05 -13.08
C TYR A 233 9.43 -0.21 -12.55
N LEU A 234 10.04 -1.37 -12.77
CA LEU A 234 11.38 -1.62 -12.25
C LEU A 234 12.37 -0.56 -12.75
N ALA A 235 12.34 -0.25 -14.05
CA ALA A 235 13.28 0.71 -14.61
C ALA A 235 13.08 2.12 -14.02
N TRP A 236 11.81 2.50 -13.80
CA TRP A 236 11.54 3.82 -13.21
C TRP A 236 12.04 3.89 -11.77
N ILE A 237 11.88 2.81 -11.01
CA ILE A 237 12.36 2.78 -9.63
C ILE A 237 13.88 2.87 -9.59
N ARG A 238 14.55 2.14 -10.48
CA ARG A 238 16.00 2.15 -10.50
C ARG A 238 16.54 3.51 -10.92
N GLU A 239 15.88 4.16 -11.89
CA GLU A 239 16.41 5.42 -12.40
C GLU A 239 16.30 6.55 -11.37
N HIS A 240 15.23 6.57 -10.59
CA HIS A 240 14.98 7.66 -9.65
C HIS A 240 15.42 7.32 -8.22
N THR A 241 16.24 6.30 -8.05
CA THR A 241 16.85 6.02 -6.77
C THR A 241 18.37 5.98 -6.92
N ASP B 1 -21.90 2.94 -6.38
CA ASP B 1 -22.08 3.10 -7.82
C ASP B 1 -20.83 2.59 -8.53
N GLY B 2 -20.00 1.87 -7.77
CA GLY B 2 -18.76 1.34 -8.29
C GLY B 2 -17.75 2.44 -8.57
N GLY B 3 -16.69 2.05 -9.24
CA GLY B 3 -15.62 2.95 -9.60
C GLY B 3 -14.36 2.67 -8.81
N ILE B 4 -13.37 3.54 -9.01
CA ILE B 4 -12.06 3.40 -8.39
C ILE B 4 -12.07 4.17 -7.07
N CYS B 5 -11.98 3.45 -5.95
CA CYS B 5 -11.81 4.10 -4.66
C CYS B 5 -10.46 3.70 -4.09
N PRO B 6 -9.47 4.61 -4.07
CA PRO B 6 -8.16 4.26 -3.52
C PRO B 6 -8.24 3.98 -2.03
N ARG B 7 -7.26 3.21 -1.55
CA ARG B 7 -7.31 2.66 -0.20
C ARG B 7 -6.47 3.45 0.80
N ILE B 8 -6.40 4.77 0.62
CA ILE B 8 -5.78 5.64 1.61
C ILE B 8 -6.70 5.74 2.83
N GLY B 9 -6.11 5.85 4.02
CA GLY B 9 -6.87 6.17 5.21
C GLY B 9 -6.90 7.67 5.38
N ARG B 10 -8.12 8.22 5.51
CA ARG B 10 -8.27 9.67 5.52
C ARG B 10 -9.56 10.04 6.26
N LEU B 11 -9.45 10.98 7.21
CA LEU B 11 -10.64 11.56 7.81
C LEU B 11 -11.31 12.52 6.83
N CYS B 12 -12.63 12.61 6.93
CA CYS B 12 -13.39 13.45 6.00
C CYS B 12 -14.63 13.99 6.69
N ARG B 13 -15.14 15.10 6.15
CA ARG B 13 -16.46 15.61 6.49
C ARG B 13 -17.33 15.84 5.26
N ARG B 14 -16.73 16.03 4.09
CA ARG B 14 -17.43 16.13 2.82
C ARG B 14 -16.93 15.03 1.89
N ASP B 15 -17.70 14.77 0.83
CA ASP B 15 -17.22 13.85 -0.21
C ASP B 15 -15.99 14.40 -0.91
N SER B 16 -15.89 15.73 -1.03
CA SER B 16 -14.78 16.34 -1.74
C SER B 16 -13.43 16.17 -1.03
N ASP B 17 -13.42 15.76 0.23
CA ASP B 17 -12.17 15.46 0.93
C ASP B 17 -11.60 14.10 0.56
N CYS B 18 -12.23 13.37 -0.36
CA CYS B 18 -11.88 11.99 -0.66
C CYS B 18 -11.45 11.83 -2.12
N PRO B 19 -10.51 10.94 -2.40
CA PRO B 19 -9.98 10.80 -3.76
C PRO B 19 -10.82 9.88 -4.63
N GLY B 20 -10.67 10.07 -5.93
CA GLY B 20 -11.29 9.17 -6.90
C GLY B 20 -12.78 9.06 -6.70
N ALA B 21 -13.28 7.83 -6.71
CA ALA B 21 -14.69 7.55 -6.54
C ALA B 21 -15.08 7.28 -5.09
N CYS B 22 -14.18 7.55 -4.14
CA CYS B 22 -14.54 7.38 -2.74
C CYS B 22 -15.48 8.49 -2.31
N ILE B 23 -16.25 8.20 -1.26
CA ILE B 23 -17.12 9.17 -0.62
C ILE B 23 -16.80 9.18 0.87
N CYS B 24 -17.32 10.19 1.56
CA CYS B 24 -17.19 10.25 3.01
C CYS B 24 -18.27 9.36 3.62
N ARG B 25 -17.87 8.25 4.22
CA ARG B 25 -18.81 7.32 4.82
C ARG B 25 -19.31 7.85 6.17
N ALA B 26 -20.27 7.14 6.76
CA ALA B 26 -20.83 7.55 8.03
C ALA B 26 -19.81 7.54 9.16
N THR B 27 -18.72 6.79 8.99
CA THR B 27 -17.63 6.72 9.96
C THR B 27 -16.70 7.93 9.89
N ARG B 28 -16.96 8.88 9.00
CA ARG B 28 -16.10 10.04 8.78
C ARG B 28 -14.72 9.63 8.25
N PHE B 29 -14.68 8.53 7.51
CA PHE B 29 -13.51 8.13 6.74
C PHE B 29 -13.91 7.93 5.29
N CYS B 30 -12.94 8.10 4.40
CA CYS B 30 -13.19 7.88 2.98
C CYS B 30 -13.33 6.39 2.70
N GLY B 31 -14.26 6.06 1.79
CA GLY B 31 -14.51 4.68 1.44
C GLY B 31 -15.33 4.58 0.17
N SER B 32 -15.48 3.34 -0.30
CA SER B 32 -16.19 3.08 -1.54
C SER B 32 -17.62 3.58 -1.47
N GLY B 33 -18.15 4.00 -2.63
CA GLY B 33 -19.49 4.53 -2.75
C GLY B 33 -20.49 3.51 -3.25
N TYR B 34 -21.59 4.02 -3.79
CA TYR B 34 -22.74 3.18 -4.14
C TYR B 34 -23.07 3.24 -5.62
C1 NAG C . 1.62 8.83 15.31
C2 NAG C . 3.10 9.09 15.03
C3 NAG C . 3.42 10.58 15.18
C4 NAG C . 2.43 11.44 14.39
C5 NAG C . 1.00 11.03 14.69
C6 NAG C . -0.02 11.75 13.85
C7 NAG C . 4.28 7.03 15.70
C8 NAG C . 5.17 6.40 16.73
N2 NAG C . 3.95 8.31 15.92
O3 NAG C . 4.76 10.79 14.75
O4 NAG C . 2.54 12.80 14.80
O5 NAG C . 0.84 9.63 14.45
O6 NAG C . 0.44 11.95 12.52
O7 NAG C . 3.87 6.40 14.73
C1 NAG C . 3.55 13.52 14.09
C2 NAG C . 3.06 14.94 13.97
C3 NAG C . 4.14 15.83 13.36
C4 NAG C . 5.50 15.63 14.03
C5 NAG C . 5.83 14.15 14.24
C6 NAG C . 6.99 13.91 15.18
C7 NAG C . 0.73 15.57 13.58
C8 NAG C . -0.42 15.56 12.61
N2 NAG C . 1.86 15.01 13.16
O3 NAG C . 3.76 17.19 13.47
O4 NAG C . 6.41 16.23 13.09
O5 NAG C . 4.72 13.47 14.83
O6 NAG C . 7.40 12.54 15.21
O7 NAG C . 0.62 16.08 14.69
C1 BMA C . 7.73 16.58 13.55
C2 BMA C . 8.20 17.81 12.80
C3 BMA C . 9.70 17.81 12.98
C4 BMA C . 10.21 16.96 14.24
C5 BMA C . 9.16 16.81 15.41
C6 BMA C . 9.37 17.83 16.54
O2 BMA C . 7.72 18.99 13.43
O3 BMA C . 10.23 19.12 12.99
O4 BMA C . 10.71 15.69 13.82
O5 BMA C . 7.80 16.91 14.94
O6 BMA C . 10.78 17.95 16.75
C1 MAN C . 11.62 18.94 12.67
C2 MAN C . 12.43 19.57 13.82
C3 MAN C . 13.65 20.34 13.32
C4 MAN C . 14.27 19.87 11.95
C5 MAN C . 13.25 19.27 10.98
C6 MAN C . 13.41 17.74 10.82
O2 MAN C . 12.94 18.56 14.71
O3 MAN C . 14.65 20.23 14.30
O4 MAN C . 14.88 20.99 11.32
O5 MAN C . 11.93 19.54 11.43
O6 MAN C . 13.09 17.38 9.48
C1 NAG C . 14.42 21.26 15.26
C2 NAG C . 15.10 20.83 16.56
C3 NAG C . 15.07 21.96 17.59
C4 NAG C . 15.59 23.25 16.98
C5 NAG C . 14.83 23.56 15.70
C6 NAG C . 15.33 24.78 14.97
C7 NAG C . 15.14 18.52 17.43
C8 NAG C . 16.62 18.56 17.19
N2 NAG C . 14.47 19.64 17.10
O3 NAG C . 15.85 21.60 18.72
O4 NAG C . 15.43 24.33 17.89
O5 NAG C . 14.99 22.46 14.80
O6 NAG C . 15.49 24.52 13.58
O7 NAG C . 14.58 17.53 17.88
C1 NAG C . 16.72 24.67 18.42
C2 NAG C . 16.83 26.20 18.43
C3 NAG C . 18.13 26.64 19.10
C4 NAG C . 18.21 26.05 20.50
C5 NAG C . 18.14 24.53 20.39
C6 NAG C . 18.19 23.84 21.73
N2 NAG C . 16.75 26.74 17.07
O3 NAG C . 18.20 28.06 19.14
O4 NAG C . 19.39 26.46 21.17
O5 NAG C . 16.90 24.16 19.76
O6 NAG C . 19.43 23.19 21.96
#